data_8I4D
#
_entry.id   8I4D
#
_cell.length_a   56.313
_cell.length_b   65.230
_cell.length_c   108.224
_cell.angle_alpha   90.000
_cell.angle_beta   90.000
_cell.angle_gamma   90.000
#
_symmetry.space_group_name_H-M   'P 21 21 21'
#
loop_
_entity.id
_entity.type
_entity.pdbx_description
1 polymer 'L-Rhamnose-alpha-1,4-D-glucuronate lyase'
2 branched alpha-D-mannopyranose-(1-3)-[alpha-D-mannopyranose-(1-6)]alpha-D-mannopyranose-(1-6)-[alpha-D-mannopyranose-(1-3)]beta-D-mannopyranose-(1-4)-2-acetamido-2-deoxy-beta-D-glucopyranose-(1-4)-2-acetamido-2-deoxy-beta-D-glucopyranose
3 non-polymer alpha-L-rhamnopyranose
4 non-polymer 'ACETATE ION'
5 non-polymer 2-AMINO-2-HYDROXYMETHYL-PROPANE-1,3-DIOL
6 non-polymer 'CALCIUM ION'
7 non-polymer 'SODIUM ION'
8 water water
#
_entity_poly.entity_id   1
_entity_poly.type   'polypeptide(L)'
_entity_poly.pdbx_seq_one_letter_code
;EFLTVKSTKQWTIGTDVQGSERLNGVSYQEDALITYGDYQYVTFYETAPAGYLNHFVKVGRRRVSPSVGDWEFLTLDDYT
QKTMDGHNMISMGISGDGKIHLSFDHHDVPINYRISKNGIAKDVPSKWTSDLFDPVVHELVGSQGPYSPLTYPRFEPLGN
GDLLLEFRIGQSGSGDSYIHRYSASTGKWQAYGMYIQGDDNNAYINGLDYLDGKLYTSWTVRETPNADTNHGVYFAYSND
DGKTWFNTNDTKLTKPISTSDDSTLIWDIPQNSRMVNQEGQLIDTKGRFHILMRDLLSGEHQYQHYLRKADGTWTKNAIN
PAGLNGPDLYDPRGKLAGDASGEYLFGILPDPVKQSTGIYVATASKDFKDWKSLAEIPNTSTEPLFDKTRLHESGILSVF
VRQAGGFPDRKLQVWDFELDLLEQKLISEEDLNSAVDHHHHHH
;
_entity_poly.pdbx_strand_id   A
#
loop_
_chem_comp.id
_chem_comp.type
_chem_comp.name
_chem_comp.formula
ACT non-polymer 'ACETATE ION' 'C2 H3 O2 -1'
BMA D-saccharide, beta linking beta-D-mannopyranose 'C6 H12 O6'
CA non-polymer 'CALCIUM ION' 'Ca 2'
MAN D-saccharide, alpha linking alpha-D-mannopyranose 'C6 H12 O6'
NA non-polymer 'SODIUM ION' 'Na 1'
NAG D-saccharide, beta linking 2-acetamido-2-deoxy-beta-D-glucopyranose 'C8 H15 N O6'
RAM L-saccharide, alpha linking alpha-L-rhamnopyranose 'C6 H12 O5'
TRS non-polymer 2-AMINO-2-HYDROXYMETHYL-PROPANE-1,3-DIOL 'C4 H12 N O3 1'
#
# COMPACT_ATOMS: atom_id res chain seq x y z
N LEU A 3 3.53 -26.43 -1.46
CA LEU A 3 3.28 -25.28 -2.32
C LEU A 3 4.47 -24.97 -3.22
N THR A 4 4.22 -24.89 -4.53
CA THR A 4 5.25 -24.65 -5.53
C THR A 4 4.81 -23.52 -6.46
N VAL A 5 5.84 -22.98 -7.10
CA VAL A 5 5.65 -21.94 -8.13
C VAL A 5 5.41 -22.72 -9.41
N LYS A 6 4.15 -22.81 -9.82
CA LYS A 6 3.94 -23.44 -11.16
C LYS A 6 4.77 -22.76 -12.27
N SER A 7 4.79 -21.44 -12.32
CA SER A 7 5.59 -20.79 -13.38
C SER A 7 5.99 -19.40 -12.90
N THR A 8 7.08 -18.89 -13.46
CA THR A 8 7.56 -17.55 -13.15
C THR A 8 7.69 -16.78 -14.45
N LYS A 9 7.06 -15.61 -14.52
CA LYS A 9 7.11 -14.77 -15.71
C LYS A 9 7.33 -13.33 -15.27
N GLN A 10 7.96 -12.55 -16.15
CA GLN A 10 8.20 -11.14 -15.86
C GLN A 10 7.99 -10.32 -17.12
N TRP A 11 7.62 -9.06 -16.90
CA TRP A 11 7.47 -8.09 -17.98
C TRP A 11 8.10 -6.79 -17.55
N THR A 12 8.82 -6.17 -18.48
CA THR A 12 9.35 -4.83 -18.27
C THR A 12 8.34 -3.83 -18.80
N ILE A 13 7.87 -2.93 -17.93
CA ILE A 13 6.80 -2.01 -18.28
C ILE A 13 7.25 -0.58 -18.47
N GLY A 14 8.49 -0.25 -18.11
CA GLY A 14 8.97 1.10 -18.34
C GLY A 14 10.38 1.27 -17.81
N THR A 15 10.94 2.43 -18.13
CA THR A 15 12.24 2.86 -17.62
C THR A 15 12.01 3.78 -16.42
N ASP A 16 12.61 3.44 -15.30
CA ASP A 16 12.41 4.24 -14.10
C ASP A 16 12.98 5.64 -14.28
N VAL A 17 12.45 6.58 -13.50
CA VAL A 17 12.88 7.97 -13.56
C VAL A 17 14.15 8.16 -12.76
N GLN A 18 14.92 9.16 -13.16
CA GLN A 18 16.20 9.45 -12.55
C GLN A 18 16.06 10.40 -11.37
N GLY A 19 16.77 10.11 -10.31
CA GLY A 19 16.77 10.97 -9.15
C GLY A 19 17.28 10.22 -7.94
N SER A 20 17.70 11.00 -6.94
CA SER A 20 18.21 10.39 -5.72
C SER A 20 17.11 9.85 -4.84
N GLU A 21 15.86 10.16 -5.14
CA GLU A 21 14.73 9.60 -4.42
C GLU A 21 14.01 8.59 -5.30
N ARG A 22 13.41 7.60 -4.66
CA ARG A 22 12.59 6.61 -5.34
C ARG A 22 11.16 7.16 -5.41
N LEU A 23 10.63 7.30 -6.63
CA LEU A 23 9.25 7.75 -6.83
C LEU A 23 8.31 6.64 -7.25
N ASN A 24 8.85 5.52 -7.77
CA ASN A 24 8.10 4.35 -8.14
C ASN A 24 8.51 3.20 -7.22
N GLY A 25 7.54 2.43 -6.74
CA GLY A 25 7.85 1.30 -5.86
C GLY A 25 8.01 1.71 -4.42
N VAL A 26 7.05 2.47 -3.89
CA VAL A 26 7.11 3.07 -2.57
C VAL A 26 6.10 2.39 -1.67
N SER A 27 6.49 2.17 -0.40
CA SER A 27 5.77 1.25 0.48
C SER A 27 4.30 1.58 0.63
N TYR A 28 3.97 2.87 0.66
CA TYR A 28 2.61 3.33 0.94
C TYR A 28 1.79 3.61 -0.30
N GLN A 29 2.25 3.17 -1.48
CA GLN A 29 1.34 3.15 -2.62
C GLN A 29 0.22 2.17 -2.33
N GLU A 30 -1.02 2.65 -2.44
CA GLU A 30 -2.17 1.83 -2.07
C GLU A 30 -3.30 2.25 -3.03
N ASP A 31 -3.32 1.65 -4.23
CA ASP A 31 -2.43 0.59 -4.68
C ASP A 31 -1.77 0.96 -6.00
N ALA A 32 -0.74 0.20 -6.38
CA ALA A 32 -0.03 0.40 -7.64
C ALA A 32 -0.45 -0.58 -8.71
N LEU A 33 -0.93 -1.76 -8.33
CA LEU A 33 -1.16 -2.87 -9.25
C LEU A 33 -2.47 -3.52 -8.82
N ILE A 34 -3.47 -3.50 -9.69
CA ILE A 34 -4.84 -3.87 -9.32
C ILE A 34 -5.45 -4.68 -10.46
N THR A 35 -6.04 -5.82 -10.13
CA THR A 35 -6.87 -6.55 -11.07
C THR A 35 -8.34 -6.24 -10.78
N TYR A 36 -9.08 -5.96 -11.84
CA TYR A 36 -10.51 -5.70 -11.74
C TYR A 36 -11.16 -6.38 -12.93
N GLY A 37 -12.07 -7.32 -12.66
CA GLY A 37 -12.63 -8.10 -13.75
C GLY A 37 -11.54 -8.91 -14.43
N ASP A 38 -11.50 -8.83 -15.76
CA ASP A 38 -10.56 -9.62 -16.55
C ASP A 38 -9.26 -8.88 -16.85
N TYR A 39 -9.03 -7.71 -16.25
CA TYR A 39 -7.90 -6.87 -16.61
C TYR A 39 -7.07 -6.50 -15.38
N GLN A 40 -5.77 -6.33 -15.60
CA GLN A 40 -4.87 -5.84 -14.57
C GLN A 40 -4.38 -4.45 -14.96
N TYR A 41 -4.27 -3.57 -13.97
CA TYR A 41 -3.90 -2.18 -14.15
C TYR A 41 -2.68 -1.85 -13.29
N VAL A 42 -1.84 -0.95 -13.78
CA VAL A 42 -0.63 -0.53 -13.08
C VAL A 42 -0.45 0.96 -13.32
N THR A 43 0.17 1.66 -12.35
CA THR A 43 0.45 3.08 -12.52
C THR A 43 1.84 3.42 -12.03
N PHE A 44 2.50 4.31 -12.75
CA PHE A 44 3.89 4.65 -12.46
C PHE A 44 4.25 5.94 -13.19
N TYR A 45 5.36 6.55 -12.76
CA TYR A 45 5.91 7.72 -13.43
C TYR A 45 6.92 7.31 -14.49
N GLU A 46 6.92 8.04 -15.60
N GLU A 46 6.89 8.05 -15.61
CA GLU A 46 7.99 7.92 -16.58
CA GLU A 46 7.86 7.97 -16.69
C GLU A 46 8.42 9.31 -17.01
C GLU A 46 8.47 9.36 -16.89
N THR A 47 9.67 9.41 -17.45
CA THR A 47 10.27 10.71 -17.75
C THR A 47 9.59 11.35 -18.95
N ALA A 48 9.26 12.63 -18.82
CA ALA A 48 8.62 13.42 -19.88
C ALA A 48 9.68 13.91 -20.85
N PRO A 49 9.27 14.40 -22.03
CA PRO A 49 10.25 14.88 -23.01
C PRO A 49 11.18 15.98 -22.50
N ALA A 50 10.74 16.79 -21.53
CA ALA A 50 11.64 17.80 -20.95
C ALA A 50 12.82 17.19 -20.21
N GLY A 51 12.77 15.89 -19.90
CA GLY A 51 13.92 15.21 -19.32
C GLY A 51 13.95 15.23 -17.81
N TYR A 52 15.17 15.18 -17.26
CA TYR A 52 15.42 15.08 -15.83
C TYR A 52 14.52 16.00 -15.01
N LEU A 53 13.86 15.41 -14.01
CA LEU A 53 12.96 16.11 -13.09
C LEU A 53 11.66 16.58 -13.74
N ASN A 54 11.23 15.90 -14.80
CA ASN A 54 9.91 16.13 -15.38
C ASN A 54 9.32 14.76 -15.66
N HIS A 55 8.19 14.43 -15.03
CA HIS A 55 7.61 13.11 -15.16
C HIS A 55 6.11 13.19 -15.41
N PHE A 56 5.60 12.20 -16.12
CA PHE A 56 4.16 12.03 -16.30
C PHE A 56 3.72 10.73 -15.64
N VAL A 57 2.49 10.74 -15.13
CA VAL A 57 1.82 9.53 -14.69
C VAL A 57 1.40 8.72 -15.90
N LYS A 58 1.70 7.43 -15.89
CA LYS A 58 1.23 6.48 -16.87
C LYS A 58 0.30 5.48 -16.20
N VAL A 59 -0.64 4.94 -16.97
CA VAL A 59 -1.49 3.86 -16.53
C VAL A 59 -1.44 2.75 -17.57
N GLY A 60 -1.09 1.55 -17.12
CA GLY A 60 -1.06 0.39 -17.98
C GLY A 60 -2.28 -0.48 -17.73
N ARG A 61 -2.68 -1.20 -18.77
CA ARG A 61 -3.67 -2.25 -18.58
C ARG A 61 -3.30 -3.43 -19.46
N ARG A 62 -3.65 -4.62 -19.00
CA ARG A 62 -3.52 -5.82 -19.82
C ARG A 62 -4.63 -6.77 -19.43
N ARG A 63 -5.11 -7.53 -20.41
CA ARG A 63 -6.03 -8.62 -20.11
C ARG A 63 -5.27 -9.73 -19.40
N VAL A 64 -5.87 -10.28 -18.34
CA VAL A 64 -5.29 -11.42 -17.63
C VAL A 64 -6.19 -12.65 -17.61
N SER A 65 -7.47 -12.52 -17.98
CA SER A 65 -8.38 -13.65 -18.03
C SER A 65 -9.28 -13.49 -19.26
N PRO A 66 -9.61 -14.59 -19.96
CA PRO A 66 -9.20 -15.97 -19.69
C PRO A 66 -7.73 -16.24 -20.02
N SER A 67 -7.14 -15.40 -20.87
CA SER A 67 -5.73 -15.50 -21.20
C SER A 67 -5.05 -14.16 -20.98
N VAL A 68 -3.73 -14.21 -20.78
CA VAL A 68 -2.95 -13.02 -20.50
C VAL A 68 -2.59 -12.34 -21.82
N GLY A 69 -2.92 -11.05 -21.93
CA GLY A 69 -2.56 -10.27 -23.08
C GLY A 69 -1.40 -9.32 -22.81
N ASP A 70 -1.01 -8.59 -23.86
CA ASP A 70 0.09 -7.66 -23.77
C ASP A 70 -0.34 -6.38 -23.06
N TRP A 71 0.60 -5.77 -22.37
CA TRP A 71 0.35 -4.47 -21.73
C TRP A 71 0.17 -3.40 -22.78
N GLU A 72 -0.72 -2.45 -22.49
CA GLU A 72 -0.78 -1.19 -23.21
C GLU A 72 -0.84 -0.06 -22.20
N PHE A 73 -0.36 1.11 -22.62
CA PHE A 73 -0.17 2.22 -21.70
C PHE A 73 -0.75 3.50 -22.26
N LEU A 74 -1.26 4.34 -21.36
CA LEU A 74 -1.59 5.71 -21.67
C LEU A 74 -0.70 6.61 -20.81
N THR A 75 -0.49 7.82 -21.31
CA THR A 75 0.38 8.81 -20.67
C THR A 75 -0.43 10.06 -20.38
N LEU A 76 -0.50 10.43 -19.11
CA LEU A 76 -1.25 11.61 -18.69
C LEU A 76 -0.32 12.82 -18.80
N ASP A 77 -0.22 13.35 -20.03
CA ASP A 77 0.78 14.35 -20.38
C ASP A 77 0.30 15.78 -20.13
N ASP A 78 -0.64 15.93 -19.20
CA ASP A 78 -1.16 17.23 -18.81
C ASP A 78 -0.85 17.60 -17.37
N TYR A 79 -0.08 16.78 -16.65
CA TYR A 79 0.34 17.10 -15.29
C TYR A 79 1.79 16.66 -15.19
N THR A 80 2.69 17.61 -14.91
CA THR A 80 4.11 17.32 -14.87
C THR A 80 4.56 17.23 -13.42
N GLN A 81 4.97 16.03 -13.00
CA GLN A 81 5.56 15.85 -11.69
C GLN A 81 7.01 16.33 -11.73
N LYS A 82 7.38 17.20 -10.79
CA LYS A 82 8.71 17.81 -10.79
C LYS A 82 9.44 17.75 -9.45
N THR A 83 8.80 17.29 -8.39
CA THR A 83 9.34 17.37 -7.04
C THR A 83 10.15 16.11 -6.77
N MET A 84 11.47 16.26 -6.60
CA MET A 84 12.33 15.10 -6.33
C MET A 84 12.29 14.80 -4.85
N ASP A 85 11.23 14.12 -4.46
CA ASP A 85 10.91 13.84 -3.07
C ASP A 85 10.22 12.48 -3.09
N GLY A 86 10.79 11.50 -2.39
CA GLY A 86 10.27 10.15 -2.41
C GLY A 86 8.89 9.98 -1.81
N HIS A 87 8.36 11.01 -1.14
CA HIS A 87 6.99 10.92 -0.66
C HIS A 87 5.99 11.01 -1.80
N ASN A 88 6.40 11.54 -2.95
CA ASN A 88 5.47 12.06 -3.95
C ASN A 88 5.00 10.99 -4.94
N MET A 89 4.58 9.84 -4.39
CA MET A 89 4.18 8.66 -5.15
C MET A 89 2.72 8.75 -5.61
N ILE A 90 2.28 7.67 -6.27
CA ILE A 90 0.95 7.55 -6.87
C ILE A 90 0.22 6.41 -6.18
N SER A 91 -1.05 6.65 -5.85
CA SER A 91 -1.97 5.59 -5.44
C SER A 91 -3.15 5.56 -6.41
N MET A 92 -3.65 4.36 -6.68
CA MET A 92 -4.76 4.12 -7.60
C MET A 92 -5.84 3.31 -6.89
N GLY A 93 -7.09 3.57 -7.25
CA GLY A 93 -8.21 2.76 -6.79
C GLY A 93 -9.23 2.61 -7.88
N ILE A 94 -10.01 1.54 -7.79
CA ILE A 94 -11.04 1.24 -8.78
C ILE A 94 -12.34 0.95 -8.05
N SER A 95 -13.35 1.76 -8.32
CA SER A 95 -14.64 1.63 -7.66
C SER A 95 -15.58 0.74 -8.46
N GLY A 96 -16.71 0.39 -7.85
CA GLY A 96 -17.63 -0.61 -8.40
C GLY A 96 -18.43 -0.13 -9.59
N ASP A 97 -18.40 1.16 -9.88
CA ASP A 97 -18.90 1.65 -11.16
C ASP A 97 -17.86 1.50 -12.27
N GLY A 98 -16.70 0.93 -11.96
CA GLY A 98 -15.65 0.75 -12.94
C GLY A 98 -14.74 1.94 -13.13
N LYS A 99 -14.92 3.02 -12.36
CA LYS A 99 -14.07 4.17 -12.55
C LYS A 99 -12.73 3.98 -11.86
N ILE A 100 -11.69 4.51 -12.50
CA ILE A 100 -10.32 4.45 -12.01
C ILE A 100 -9.96 5.82 -11.44
N HIS A 101 -9.43 5.82 -10.22
CA HIS A 101 -9.09 7.01 -9.47
C HIS A 101 -7.58 7.03 -9.23
N LEU A 102 -6.99 8.22 -9.30
CA LEU A 102 -5.57 8.40 -9.09
C LEU A 102 -5.36 9.58 -8.17
N SER A 103 -4.43 9.45 -7.24
CA SER A 103 -4.03 10.57 -6.43
C SER A 103 -2.52 10.48 -6.24
N PHE A 104 -1.82 11.60 -6.33
CA PHE A 104 -0.39 11.52 -6.57
C PHE A 104 0.31 12.83 -6.24
N ASP A 105 1.63 12.71 -6.05
CA ASP A 105 2.55 13.85 -6.05
C ASP A 105 2.37 14.78 -4.84
N HIS A 106 2.36 14.21 -3.63
CA HIS A 106 2.16 15.01 -2.42
C HIS A 106 3.28 14.87 -1.40
N HIS A 107 3.79 16.01 -0.93
CA HIS A 107 4.45 16.07 0.36
C HIS A 107 4.02 17.37 1.02
N ASP A 108 3.01 17.28 1.89
CA ASP A 108 2.49 18.43 2.62
C ASP A 108 2.02 19.54 1.67
N VAL A 109 1.20 19.17 0.69
CA VAL A 109 0.67 20.09 -0.31
C VAL A 109 -0.81 19.78 -0.51
N PRO A 110 -1.55 20.58 -1.28
CA PRO A 110 -2.97 20.25 -1.50
C PRO A 110 -3.13 18.99 -2.35
N ILE A 111 -4.27 18.34 -2.16
CA ILE A 111 -4.57 17.11 -2.90
C ILE A 111 -4.46 17.33 -4.41
N ASN A 112 -3.94 16.30 -5.08
CA ASN A 112 -3.98 16.14 -6.53
C ASN A 112 -4.72 14.85 -6.79
N TYR A 113 -5.82 14.94 -7.54
CA TYR A 113 -6.70 13.79 -7.73
C TYR A 113 -7.28 13.87 -9.13
N ARG A 114 -7.49 12.70 -9.75
CA ARG A 114 -8.28 12.67 -10.97
C ARG A 114 -8.99 11.33 -11.09
N ILE A 115 -10.03 11.32 -11.93
CA ILE A 115 -10.87 10.15 -12.12
C ILE A 115 -11.12 9.94 -13.60
N SER A 116 -11.34 8.69 -14.00
CA SER A 116 -11.77 8.42 -15.36
C SER A 116 -13.16 9.00 -15.60
N LYS A 117 -13.40 9.41 -16.84
N LYS A 117 -13.40 9.41 -16.84
CA LYS A 117 -14.70 9.99 -17.20
CA LYS A 117 -14.71 9.98 -17.19
C LYS A 117 -15.82 8.95 -17.06
C LYS A 117 -15.81 8.95 -17.06
N ASN A 118 -15.56 7.74 -17.51
CA ASN A 118 -16.54 6.66 -17.50
C ASN A 118 -15.99 5.46 -16.73
N GLY A 119 -16.85 4.46 -16.54
CA GLY A 119 -16.47 3.28 -15.80
C GLY A 119 -15.65 2.31 -16.63
N ILE A 120 -14.43 2.71 -16.97
CA ILE A 120 -13.63 2.00 -17.97
C ILE A 120 -13.18 0.61 -17.51
N ALA A 121 -13.18 0.33 -16.21
CA ALA A 121 -12.82 -1.01 -15.76
C ALA A 121 -14.00 -1.96 -15.80
N LYS A 122 -15.22 -1.44 -15.94
CA LYS A 122 -16.45 -2.22 -16.04
C LYS A 122 -16.92 -2.32 -17.49
N ASP A 123 -17.15 -1.18 -18.13
CA ASP A 123 -17.44 -1.10 -19.56
C ASP A 123 -16.11 -0.83 -20.25
N VAL A 124 -15.40 -1.90 -20.61
CA VAL A 124 -14.00 -1.83 -21.04
C VAL A 124 -13.90 -1.24 -22.45
N PRO A 125 -13.23 -0.10 -22.62
CA PRO A 125 -13.12 0.51 -23.95
C PRO A 125 -12.02 -0.14 -24.77
N SER A 126 -12.24 -0.14 -26.09
CA SER A 126 -11.20 -0.61 -27.01
C SER A 126 -9.93 0.22 -26.88
N LYS A 127 -10.10 1.55 -26.95
CA LYS A 127 -8.98 2.52 -26.97
C LYS A 127 -8.50 2.88 -25.57
N TRP A 128 -7.20 2.70 -25.30
CA TRP A 128 -6.60 3.00 -24.02
C TRP A 128 -5.77 4.26 -24.22
N THR A 129 -6.37 5.40 -23.93
CA THR A 129 -5.75 6.70 -24.20
C THR A 129 -6.02 7.66 -23.04
N SER A 130 -5.20 8.72 -23.00
CA SER A 130 -5.31 9.70 -21.91
C SER A 130 -6.66 10.39 -21.89
N ASP A 131 -7.35 10.47 -23.03
N ASP A 131 -7.36 10.48 -23.02
CA ASP A 131 -8.67 11.07 -23.09
CA ASP A 131 -8.65 11.14 -23.00
C ASP A 131 -9.68 10.38 -22.19
C ASP A 131 -9.71 10.36 -22.23
N LEU A 132 -9.36 9.19 -21.69
CA LEU A 132 -10.27 8.49 -20.78
C LEU A 132 -10.34 9.16 -19.41
N PHE A 133 -9.41 10.06 -19.09
CA PHE A 133 -9.33 10.65 -17.77
C PHE A 133 -9.73 12.11 -17.78
N ASP A 134 -10.42 12.53 -16.72
CA ASP A 134 -10.75 13.93 -16.50
C ASP A 134 -9.54 14.67 -15.94
N PRO A 135 -9.59 16.00 -15.91
CA PRO A 135 -8.45 16.78 -15.46
C PRO A 135 -8.15 16.59 -13.98
N VAL A 136 -6.93 16.97 -13.62
CA VAL A 136 -6.52 16.99 -12.23
C VAL A 136 -7.31 18.06 -11.50
N VAL A 137 -7.83 17.70 -10.32
CA VAL A 137 -8.52 18.63 -9.44
C VAL A 137 -7.86 18.57 -8.06
N HIS A 138 -8.25 19.51 -7.21
CA HIS A 138 -7.65 19.70 -5.91
C HIS A 138 -8.73 19.74 -4.84
N GLU A 139 -9.69 18.84 -4.99
CA GLU A 139 -10.83 18.70 -4.09
C GLU A 139 -11.51 17.40 -4.46
N LEU A 140 -12.49 17.00 -3.63
CA LEU A 140 -13.26 15.78 -3.83
C LEU A 140 -14.72 16.18 -3.92
N VAL A 141 -15.28 16.14 -5.14
CA VAL A 141 -16.61 16.68 -5.38
C VAL A 141 -17.63 16.01 -4.48
N GLY A 142 -18.41 16.84 -3.78
CA GLY A 142 -19.39 16.38 -2.82
C GLY A 142 -18.91 16.42 -1.38
N SER A 143 -17.59 16.44 -1.18
CA SER A 143 -17.02 16.41 0.15
C SER A 143 -16.51 17.80 0.53
N GLN A 144 -15.60 17.86 1.50
CA GLN A 144 -15.10 19.12 2.01
C GLN A 144 -13.69 18.91 2.54
N GLY A 145 -12.94 20.01 2.62
CA GLY A 145 -11.60 19.97 3.11
C GLY A 145 -11.55 19.71 4.61
N PRO A 146 -10.34 19.74 5.18
CA PRO A 146 -9.10 20.22 4.54
C PRO A 146 -8.48 19.27 3.53
N TYR A 147 -7.94 19.86 2.47
CA TYR A 147 -7.24 19.12 1.44
C TYR A 147 -5.74 19.37 1.47
N SER A 148 -5.26 20.14 2.44
CA SER A 148 -3.86 20.51 2.54
C SER A 148 -3.56 20.76 4.01
N PRO A 149 -2.32 20.52 4.45
CA PRO A 149 -1.20 19.91 3.72
C PRO A 149 -1.29 18.38 3.76
N LEU A 150 -1.36 17.78 2.58
CA LEU A 150 -1.67 16.37 2.43
C LEU A 150 -0.41 15.58 2.12
N THR A 151 -0.29 14.41 2.75
CA THR A 151 0.69 13.40 2.37
C THR A 151 0.03 12.03 2.48
N TYR A 152 0.45 11.09 1.64
CA TYR A 152 0.12 9.68 1.78
C TYR A 152 -1.31 9.32 1.40
N PRO A 153 -1.73 9.54 0.14
CA PRO A 153 -3.06 9.09 -0.27
C PRO A 153 -3.11 7.57 -0.34
N ARG A 154 -4.17 6.99 0.23
CA ARG A 154 -4.37 5.54 0.21
C ARG A 154 -5.83 5.25 -0.12
N PHE A 155 -6.07 4.35 -1.06
CA PHE A 155 -7.41 3.95 -1.43
C PHE A 155 -7.75 2.58 -0.86
N GLU A 156 -9.03 2.38 -0.52
CA GLU A 156 -9.50 1.06 -0.10
C GLU A 156 -10.90 0.80 -0.66
N PRO A 157 -11.06 -0.24 -1.49
CA PRO A 157 -12.39 -0.54 -2.03
C PRO A 157 -13.26 -1.26 -1.01
N LEU A 158 -14.52 -0.84 -0.92
CA LEU A 158 -15.49 -1.39 0.02
C LEU A 158 -16.46 -2.32 -0.67
N GLY A 159 -17.25 -3.02 0.15
CA GLY A 159 -18.07 -4.12 -0.35
C GLY A 159 -19.20 -3.70 -1.27
N ASN A 160 -19.69 -2.46 -1.15
CA ASN A 160 -20.80 -2.02 -1.98
C ASN A 160 -20.34 -1.30 -3.24
N GLY A 161 -19.05 -1.36 -3.57
CA GLY A 161 -18.51 -0.67 -4.73
C GLY A 161 -17.92 0.68 -4.42
N ASP A 162 -18.14 1.21 -3.21
CA ASP A 162 -17.59 2.49 -2.84
C ASP A 162 -16.08 2.38 -2.62
N LEU A 163 -15.44 3.53 -2.46
CA LEU A 163 -13.99 3.60 -2.36
C LEU A 163 -13.63 4.61 -1.29
N LEU A 164 -12.83 4.20 -0.32
CA LEU A 164 -12.29 5.15 0.64
C LEU A 164 -11.01 5.75 0.08
N LEU A 165 -10.79 7.01 0.38
CA LEU A 165 -9.51 7.68 0.21
C LEU A 165 -9.11 8.26 1.55
N GLU A 166 -7.92 7.89 2.01
CA GLU A 166 -7.41 8.23 3.33
C GLU A 166 -6.08 8.94 3.15
N PHE A 167 -5.76 9.84 4.07
CA PHE A 167 -4.50 10.58 3.97
C PHE A 167 -4.24 11.36 5.26
N ARG A 168 -3.00 11.80 5.41
CA ARG A 168 -2.60 12.66 6.51
C ARG A 168 -2.74 14.13 6.12
N ILE A 169 -3.32 14.92 7.02
CA ILE A 169 -3.32 16.38 6.94
C ILE A 169 -2.45 16.87 8.09
N GLY A 170 -1.39 17.58 7.77
CA GLY A 170 -0.46 18.05 8.78
C GLY A 170 0.96 17.78 8.36
N GLN A 171 1.81 17.40 9.31
CA GLN A 171 3.22 17.18 9.03
C GLN A 171 3.72 16.02 9.89
N SER A 172 4.92 15.54 9.56
N SER A 172 4.92 15.56 9.57
CA SER A 172 5.59 14.58 10.40
CA SER A 172 5.57 14.56 10.40
C SER A 172 5.80 15.18 11.78
C SER A 172 5.84 15.15 11.78
N GLY A 173 5.37 14.45 12.81
CA GLY A 173 5.50 14.93 14.17
C GLY A 173 4.37 15.82 14.64
N SER A 174 3.41 16.15 13.77
N SER A 174 3.40 16.14 13.78
CA SER A 174 2.21 16.87 14.18
CA SER A 174 2.22 16.90 14.16
C SER A 174 1.18 16.77 13.08
C SER A 174 1.16 16.78 13.07
N GLY A 175 0.36 15.73 13.11
CA GLY A 175 -0.59 15.54 12.04
C GLY A 175 -1.70 14.62 12.46
N ASP A 176 -2.75 14.63 11.62
CA ASP A 176 -3.97 13.86 11.81
C ASP A 176 -4.29 13.19 10.49
N SER A 177 -5.19 12.21 10.51
CA SER A 177 -5.59 11.57 9.27
C SER A 177 -7.10 11.57 9.10
N TYR A 178 -7.51 11.64 7.83
CA TYR A 178 -8.90 11.81 7.42
C TYR A 178 -9.28 10.70 6.46
N ILE A 179 -10.58 10.43 6.37
CA ILE A 179 -11.17 9.49 5.43
C ILE A 179 -12.28 10.18 4.64
N HIS A 180 -12.30 9.95 3.34
CA HIS A 180 -13.41 10.33 2.48
C HIS A 180 -13.94 9.08 1.79
N ARG A 181 -15.24 9.08 1.48
CA ARG A 181 -15.86 7.93 0.86
C ARG A 181 -16.49 8.33 -0.47
N TYR A 182 -16.11 7.65 -1.53
CA TYR A 182 -16.68 7.86 -2.86
C TYR A 182 -17.83 6.88 -3.06
N SER A 183 -18.99 7.41 -3.43
CA SER A 183 -20.16 6.58 -3.74
C SER A 183 -20.16 6.16 -5.20
N ALA A 184 -20.11 4.86 -5.43
CA ALA A 184 -20.24 4.33 -6.77
C ALA A 184 -21.63 4.53 -7.35
N SER A 185 -22.62 4.78 -6.50
N SER A 185 -22.63 4.77 -6.50
CA SER A 185 -23.98 4.98 -7.00
CA SER A 185 -23.99 4.98 -6.97
C SER A 185 -24.23 6.42 -7.44
C SER A 185 -24.20 6.40 -7.45
N THR A 186 -23.68 7.40 -6.73
CA THR A 186 -23.91 8.79 -7.05
C THR A 186 -22.72 9.49 -7.70
N GLY A 187 -21.52 8.93 -7.59
CA GLY A 187 -20.34 9.63 -8.07
C GLY A 187 -19.87 10.76 -7.19
N LYS A 188 -20.42 10.88 -5.99
CA LYS A 188 -20.07 11.93 -5.06
C LYS A 188 -19.20 11.38 -3.93
N TRP A 189 -18.29 12.22 -3.47
CA TRP A 189 -17.53 11.94 -2.28
C TRP A 189 -18.25 12.50 -1.07
N GLN A 190 -18.00 11.90 0.08
CA GLN A 190 -18.47 12.45 1.35
C GLN A 190 -17.35 12.37 2.37
N ALA A 191 -17.33 13.32 3.29
CA ALA A 191 -16.28 13.40 4.29
C ALA A 191 -16.67 12.56 5.50
N TYR A 192 -15.80 11.65 5.88
CA TYR A 192 -15.95 10.94 7.15
C TYR A 192 -15.22 11.64 8.28
N GLY A 193 -14.44 12.68 7.97
CA GLY A 193 -13.79 13.47 8.98
C GLY A 193 -12.47 12.90 9.45
N MET A 194 -11.97 13.50 10.53
N MET A 194 -11.94 13.57 10.47
CA MET A 194 -10.69 13.10 11.10
CA MET A 194 -10.73 13.09 11.13
C MET A 194 -10.90 11.86 11.95
C MET A 194 -11.06 11.78 11.83
N TYR A 195 -10.25 10.75 11.57
CA TYR A 195 -10.44 9.49 12.28
C TYR A 195 -9.31 9.16 13.24
N ILE A 196 -8.10 9.68 13.01
N ILE A 196 -8.14 9.76 13.06
CA ILE A 196 -6.98 9.63 13.95
CA ILE A 196 -7.06 9.63 14.02
C ILE A 196 -6.47 11.05 14.16
C ILE A 196 -6.38 10.97 14.15
N GLN A 197 -6.12 11.37 15.40
CA GLN A 197 -5.66 12.71 15.74
C GLN A 197 -4.36 12.63 16.50
N GLY A 198 -3.34 13.31 16.00
CA GLY A 198 -2.08 13.39 16.70
C GLY A 198 -2.16 14.30 17.91
N ASP A 199 -1.10 14.27 18.70
CA ASP A 199 -1.01 15.02 19.94
C ASP A 199 0.45 15.43 20.04
N ASP A 200 0.82 16.48 19.31
CA ASP A 200 2.22 16.84 19.09
C ASP A 200 3.01 15.68 18.51
N ASN A 201 2.34 14.86 17.71
CA ASN A 201 2.93 13.73 17.01
C ASN A 201 2.02 13.37 15.86
N ASN A 202 2.33 12.30 15.14
CA ASN A 202 1.41 11.82 14.11
C ASN A 202 1.43 10.30 14.05
N ALA A 203 0.27 9.72 13.77
CA ALA A 203 0.18 8.31 13.48
C ALA A 203 0.61 8.04 12.05
N TYR A 204 1.33 6.95 11.86
CA TYR A 204 1.72 6.44 10.55
C TYR A 204 1.07 5.07 10.41
N ILE A 205 0.00 4.99 9.61
CA ILE A 205 -0.66 3.71 9.40
C ILE A 205 0.11 2.85 8.41
N ASN A 206 -0.07 1.53 8.51
CA ASN A 206 0.60 0.59 7.63
C ASN A 206 -0.19 0.27 6.37
N GLY A 207 -1.43 0.68 6.32
CA GLY A 207 -2.32 0.38 5.21
C GLY A 207 -3.74 0.35 5.72
N LEU A 208 -4.66 0.08 4.80
CA LEU A 208 -6.05 -0.20 5.12
C LEU A 208 -6.38 -1.60 4.63
N ASP A 209 -7.10 -2.37 5.45
CA ASP A 209 -7.49 -3.72 5.06
C ASP A 209 -8.97 -3.89 5.33
N TYR A 210 -9.67 -4.54 4.41
CA TYR A 210 -11.12 -4.65 4.50
C TYR A 210 -11.52 -6.09 4.20
N LEU A 211 -12.42 -6.63 5.02
CA LEU A 211 -12.91 -7.97 4.81
C LEU A 211 -14.25 -8.11 5.50
N ASP A 212 -15.25 -8.58 4.76
CA ASP A 212 -16.57 -8.91 5.30
C ASP A 212 -17.12 -7.80 6.19
N GLY A 213 -17.08 -6.58 5.65
CA GLY A 213 -17.69 -5.44 6.29
C GLY A 213 -16.87 -4.77 7.38
N LYS A 214 -15.65 -5.23 7.63
CA LYS A 214 -14.80 -4.65 8.67
C LYS A 214 -13.54 -4.07 8.06
N LEU A 215 -13.13 -2.92 8.58
CA LEU A 215 -11.97 -2.17 8.11
C LEU A 215 -10.92 -2.18 9.22
N TYR A 216 -9.69 -2.55 8.88
CA TYR A 216 -8.63 -2.77 9.87
C TYR A 216 -7.44 -1.87 9.56
N THR A 217 -6.83 -1.32 10.61
CA THR A 217 -5.59 -0.59 10.42
C THR A 217 -4.68 -0.77 11.63
N SER A 218 -3.41 -0.49 11.40
CA SER A 218 -2.38 -0.56 12.42
C SER A 218 -1.40 0.57 12.17
N TRP A 219 -0.71 0.99 13.22
CA TRP A 219 0.15 2.17 13.08
C TRP A 219 1.23 2.20 14.15
N THR A 220 2.20 3.07 13.93
CA THR A 220 3.13 3.53 14.94
C THR A 220 2.97 5.03 15.09
N VAL A 221 3.47 5.59 16.19
CA VAL A 221 3.33 7.01 16.47
C VAL A 221 4.71 7.66 16.39
N ARG A 222 4.81 8.76 15.65
CA ARG A 222 6.07 9.46 15.42
C ARG A 222 6.08 10.81 16.13
N GLU A 223 7.10 11.05 16.96
CA GLU A 223 7.14 12.30 17.72
C GLU A 223 7.67 13.48 16.90
N THR A 224 8.73 13.27 16.09
CA THR A 224 9.37 14.36 15.38
C THR A 224 9.71 13.93 13.96
N PRO A 225 10.21 14.83 13.11
CA PRO A 225 10.67 14.41 11.77
C PRO A 225 11.82 13.41 11.79
N ASN A 226 12.45 13.19 12.93
CA ASN A 226 13.50 12.18 13.04
C ASN A 226 12.84 10.80 13.15
N ALA A 227 13.14 9.92 12.19
CA ALA A 227 12.50 8.62 12.14
C ALA A 227 12.85 7.70 13.31
N ASP A 228 13.89 8.02 14.09
CA ASP A 228 14.14 7.26 15.30
C ASP A 228 13.07 7.47 16.37
N THR A 229 12.14 8.42 16.18
CA THR A 229 11.17 8.74 17.21
C THR A 229 9.82 8.04 17.01
N ASN A 230 9.77 6.98 16.22
CA ASN A 230 8.59 6.11 16.21
C ASN A 230 8.53 5.31 17.49
N HIS A 231 7.31 5.10 17.99
CA HIS A 231 7.10 4.23 19.14
C HIS A 231 5.74 3.58 19.08
N GLY A 232 5.68 2.33 19.54
CA GLY A 232 4.45 1.60 19.67
C GLY A 232 3.96 0.93 18.40
N VAL A 233 3.26 -0.19 18.57
CA VAL A 233 2.49 -0.80 17.51
C VAL A 233 1.05 -0.83 17.99
N TYR A 234 0.15 -0.24 17.20
CA TYR A 234 -1.23 0.03 17.57
C TYR A 234 -2.17 -0.58 16.54
N PHE A 235 -3.41 -0.82 16.94
CA PHE A 235 -4.40 -1.48 16.10
C PHE A 235 -5.81 -0.97 16.43
N ALA A 236 -6.63 -0.86 15.39
CA ALA A 236 -8.05 -0.64 15.59
C ALA A 236 -8.79 -1.15 14.37
N TYR A 237 -10.09 -1.40 14.55
CA TYR A 237 -10.93 -1.79 13.43
C TYR A 237 -12.26 -1.06 13.52
N SER A 238 -12.95 -1.02 12.38
CA SER A 238 -14.24 -0.38 12.25
C SER A 238 -15.24 -1.35 11.63
N ASN A 239 -16.49 -1.30 12.10
CA ASN A 239 -17.56 -2.10 11.51
C ASN A 239 -18.46 -1.30 10.60
N ASP A 240 -18.12 -0.04 10.34
CA ASP A 240 -18.97 0.83 9.54
C ASP A 240 -18.16 1.69 8.58
N ASP A 241 -17.04 1.16 8.08
CA ASP A 241 -16.27 1.76 7.01
C ASP A 241 -15.51 3.00 7.44
N GLY A 242 -15.23 3.12 8.74
CA GLY A 242 -14.35 4.16 9.23
C GLY A 242 -15.01 5.23 10.06
N LYS A 243 -16.32 5.14 10.31
CA LYS A 243 -16.98 6.11 11.16
C LYS A 243 -16.77 5.81 12.64
N THR A 244 -16.89 4.53 13.02
CA THR A 244 -16.80 4.08 14.41
C THR A 244 -15.67 3.07 14.50
N TRP A 245 -14.83 3.20 15.54
CA TRP A 245 -13.66 2.35 15.69
C TRP A 245 -13.65 1.68 17.06
N PHE A 246 -13.00 0.52 17.10
CA PHE A 246 -12.89 -0.33 18.26
C PHE A 246 -11.44 -0.77 18.39
N ASN A 247 -11.01 -1.03 19.63
CA ASN A 247 -9.70 -1.60 19.84
C ASN A 247 -9.77 -3.13 19.72
N THR A 248 -8.64 -3.78 19.95
CA THR A 248 -8.54 -5.23 19.77
C THR A 248 -9.45 -5.99 20.72
N ASN A 249 -9.84 -5.39 21.83
CA ASN A 249 -10.73 -5.99 22.82
C ASN A 249 -12.19 -5.67 22.54
N ASP A 250 -12.51 -5.07 21.39
CA ASP A 250 -13.86 -4.67 21.00
C ASP A 250 -14.42 -3.52 21.83
N THR A 251 -13.56 -2.73 22.47
CA THR A 251 -13.99 -1.55 23.18
C THR A 251 -14.12 -0.38 22.20
N LYS A 252 -15.26 0.29 22.23
CA LYS A 252 -15.50 1.40 21.31
C LYS A 252 -14.61 2.57 21.70
N LEU A 253 -13.97 3.17 20.69
CA LEU A 253 -13.02 4.26 20.90
C LEU A 253 -13.70 5.61 20.71
N THR A 254 -13.08 6.64 21.29
CA THR A 254 -13.44 8.01 20.98
C THR A 254 -13.25 8.27 19.50
N LYS A 255 -14.00 9.25 19.00
CA LYS A 255 -13.89 9.71 17.63
C LYS A 255 -13.43 11.16 17.67
N PRO A 256 -12.26 11.50 17.11
CA PRO A 256 -11.28 10.60 16.49
C PRO A 256 -10.51 9.78 17.51
N ILE A 257 -9.83 8.74 17.04
CA ILE A 257 -8.85 8.03 17.85
C ILE A 257 -7.70 8.99 18.13
N SER A 258 -7.29 9.11 19.38
CA SER A 258 -6.15 9.95 19.71
C SER A 258 -4.90 9.08 19.80
N THR A 259 -3.77 9.61 19.31
CA THR A 259 -2.51 8.90 19.51
C THR A 259 -2.15 8.81 20.98
N SER A 260 -2.78 9.62 21.83
CA SER A 260 -2.55 9.53 23.27
C SER A 260 -3.42 8.50 23.96
N ASP A 261 -4.31 7.83 23.23
CA ASP A 261 -5.14 6.77 23.78
C ASP A 261 -4.31 5.49 23.76
N ASP A 262 -3.82 5.07 24.94
CA ASP A 262 -3.03 3.85 25.01
C ASP A 262 -3.86 2.60 24.81
N SER A 263 -5.18 2.71 24.77
CA SER A 263 -5.99 1.49 24.71
C SER A 263 -5.92 0.76 23.37
N THR A 264 -5.34 1.37 22.33
CA THR A 264 -5.13 0.71 21.05
C THR A 264 -3.73 0.11 20.92
N LEU A 265 -2.87 0.30 21.93
CA LEU A 265 -1.53 -0.25 21.86
C LEU A 265 -1.58 -1.76 21.95
N ILE A 266 -0.94 -2.46 21.01
CA ILE A 266 -0.86 -3.90 21.07
C ILE A 266 0.55 -4.43 21.31
N TRP A 267 1.57 -3.58 21.17
CA TRP A 267 2.93 -3.97 21.55
C TRP A 267 3.73 -2.72 21.88
N ASP A 268 4.41 -2.74 23.02
CA ASP A 268 5.26 -1.63 23.43
C ASP A 268 6.58 -1.73 22.68
N ILE A 269 6.87 -0.73 21.85
CA ILE A 269 8.14 -0.61 21.15
C ILE A 269 8.65 0.80 21.38
N PRO A 270 9.76 0.97 22.10
CA PRO A 270 10.22 2.32 22.41
C PRO A 270 10.81 3.00 21.17
N GLN A 271 11.01 4.30 21.33
CA GLN A 271 11.83 5.02 20.36
C GLN A 271 13.22 4.41 20.32
N ASN A 272 13.92 4.63 19.20
CA ASN A 272 15.27 4.14 19.00
C ASN A 272 15.35 2.63 18.87
N SER A 273 14.25 1.98 18.51
CA SER A 273 14.24 0.53 18.27
C SER A 273 14.54 0.17 16.83
N ARG A 274 14.75 1.17 15.97
CA ARG A 274 15.03 0.98 14.54
C ARG A 274 13.84 0.34 13.82
N MET A 275 12.63 0.67 14.28
CA MET A 275 11.39 0.28 13.63
C MET A 275 10.92 1.41 12.72
N VAL A 276 10.58 1.07 11.49
CA VAL A 276 10.17 2.09 10.53
C VAL A 276 8.65 2.12 10.40
N ASN A 277 8.16 3.32 10.09
CA ASN A 277 6.75 3.55 9.84
C ASN A 277 6.36 3.09 8.44
N GLN A 278 5.07 2.80 8.29
CA GLN A 278 4.42 2.51 7.01
C GLN A 278 5.07 1.33 6.31
N GLU A 279 5.07 0.19 7.01
CA GLU A 279 5.60 -1.04 6.45
C GLU A 279 4.46 -1.85 5.84
N GLY A 280 3.95 -2.88 6.51
CA GLY A 280 2.91 -3.71 5.89
C GLY A 280 1.91 -4.26 6.86
N GLN A 281 0.72 -4.56 6.36
CA GLN A 281 -0.30 -5.23 7.16
C GLN A 281 -1.20 -6.05 6.24
N LEU A 282 -2.02 -6.92 6.85
CA LEU A 282 -2.89 -7.80 6.08
C LEU A 282 -3.99 -8.33 6.99
N ILE A 283 -5.25 -8.22 6.54
CA ILE A 283 -6.30 -9.09 7.04
C ILE A 283 -6.36 -10.31 6.13
N ASP A 284 -6.10 -11.50 6.69
CA ASP A 284 -6.23 -12.68 5.84
C ASP A 284 -7.70 -13.06 5.68
N THR A 285 -7.96 -13.97 4.74
CA THR A 285 -9.35 -14.28 4.42
C THR A 285 -10.06 -15.02 5.54
N LYS A 286 -9.35 -15.46 6.56
CA LYS A 286 -9.94 -16.06 7.75
C LYS A 286 -10.11 -15.05 8.87
N GLY A 287 -9.84 -13.78 8.61
CA GLY A 287 -10.06 -12.77 9.62
C GLY A 287 -8.93 -12.61 10.63
N ARG A 288 -7.80 -13.27 10.42
CA ARG A 288 -6.62 -13.04 11.26
C ARG A 288 -5.89 -11.82 10.73
N PHE A 289 -5.50 -10.93 11.63
CA PHE A 289 -4.81 -9.70 11.25
C PHE A 289 -3.31 -9.84 11.49
N HIS A 290 -2.53 -9.34 10.54
CA HIS A 290 -1.09 -9.47 10.52
C HIS A 290 -0.45 -8.10 10.32
N ILE A 291 0.67 -7.87 11.00
CA ILE A 291 1.48 -6.67 10.80
C ILE A 291 2.91 -7.11 10.53
N LEU A 292 3.54 -6.46 9.56
CA LEU A 292 4.96 -6.61 9.29
C LEU A 292 5.65 -5.32 9.71
N MET A 293 6.59 -5.42 10.63
CA MET A 293 7.46 -4.30 10.99
C MET A 293 8.89 -4.85 11.06
N ARG A 294 9.76 -4.13 11.75
CA ARG A 294 11.14 -4.53 11.96
C ARG A 294 11.62 -3.86 13.25
N ASP A 295 12.66 -4.43 13.85
CA ASP A 295 13.33 -3.74 14.95
C ASP A 295 14.66 -4.42 15.24
N LEU A 296 15.43 -3.80 16.12
N LEU A 296 15.48 -3.81 16.09
CA LEU A 296 16.74 -4.25 16.60
CA LEU A 296 16.73 -4.43 16.54
C LEU A 296 16.66 -4.86 17.99
C LEU A 296 16.66 -4.88 18.00
N LEU A 297 15.46 -5.00 18.56
CA LEU A 297 15.33 -5.29 19.99
C LEU A 297 15.93 -6.64 20.39
N SER A 298 16.02 -7.60 19.48
CA SER A 298 16.64 -8.88 19.81
C SER A 298 18.15 -8.81 19.88
N GLY A 299 18.75 -7.71 19.45
CA GLY A 299 20.18 -7.63 19.25
C GLY A 299 20.58 -7.69 17.79
N GLU A 300 19.68 -8.14 16.91
CA GLU A 300 19.87 -8.16 15.48
C GLU A 300 18.69 -7.47 14.80
N HIS A 301 18.95 -6.83 13.66
CA HIS A 301 17.86 -6.26 12.88
C HIS A 301 17.08 -7.40 12.25
N GLN A 302 15.78 -7.44 12.48
CA GLN A 302 14.95 -8.50 11.92
C GLN A 302 13.57 -7.96 11.58
N TYR A 303 13.04 -8.45 10.46
CA TYR A 303 11.62 -8.31 10.19
C TYR A 303 10.82 -8.99 11.30
N GLN A 304 9.67 -8.42 11.63
CA GLN A 304 8.82 -8.90 12.72
C GLN A 304 7.40 -9.11 12.23
N HIS A 305 6.81 -10.23 12.64
CA HIS A 305 5.44 -10.60 12.29
C HIS A 305 4.59 -10.52 13.55
N TYR A 306 3.64 -9.59 13.56
CA TYR A 306 2.64 -9.50 14.62
C TYR A 306 1.36 -10.17 14.14
N LEU A 307 0.76 -10.99 15.00
CA LEU A 307 -0.41 -11.77 14.64
C LEU A 307 -1.49 -11.58 15.69
N ARG A 308 -2.68 -11.20 15.26
CA ARG A 308 -3.86 -11.12 16.13
C ARG A 308 -4.60 -12.45 16.02
N LYS A 309 -4.43 -13.31 17.03
CA LYS A 309 -4.98 -14.65 17.01
C LYS A 309 -6.50 -14.63 17.20
N ALA A 310 -7.12 -15.78 16.90
CA ALA A 310 -8.58 -15.89 17.02
C ALA A 310 -9.04 -15.77 18.47
N ASP A 311 -8.25 -16.24 19.42
CA ASP A 311 -8.60 -16.16 20.83
C ASP A 311 -8.39 -14.77 21.42
N GLY A 312 -8.02 -13.80 20.60
CA GLY A 312 -7.78 -12.44 21.03
C GLY A 312 -6.34 -12.12 21.31
N THR A 313 -5.50 -13.12 21.55
CA THR A 313 -4.11 -12.87 21.89
C THR A 313 -3.35 -12.34 20.68
N TRP A 314 -2.37 -11.50 20.94
CA TRP A 314 -1.39 -11.07 19.95
C TRP A 314 -0.06 -11.78 20.22
N THR A 315 0.61 -12.18 19.15
CA THR A 315 1.96 -12.72 19.24
C THR A 315 2.87 -11.90 18.32
N LYS A 316 4.16 -11.97 18.63
CA LYS A 316 5.20 -11.33 17.84
C LYS A 316 6.30 -12.36 17.61
N ASN A 317 6.71 -12.53 16.35
N ASN A 317 6.72 -12.51 16.35
CA ASN A 317 7.74 -13.50 16.03
CA ASN A 317 7.70 -13.51 15.96
C ASN A 317 8.60 -12.96 14.90
C ASN A 317 8.61 -12.92 14.90
N ALA A 318 9.91 -13.08 15.05
CA ALA A 318 10.83 -12.63 14.02
C ALA A 318 10.65 -13.48 12.78
N ILE A 319 10.74 -12.84 11.61
CA ILE A 319 10.77 -13.55 10.34
C ILE A 319 12.25 -13.71 10.01
N ASN A 320 12.81 -14.88 10.29
N ASN A 320 12.80 -14.89 10.28
CA ASN A 320 14.24 -15.12 10.10
CA ASN A 320 14.23 -15.13 10.10
C ASN A 320 14.50 -16.45 9.39
C ASN A 320 14.48 -16.47 9.41
N PRO A 321 13.99 -16.63 8.18
CA PRO A 321 14.37 -17.81 7.40
C PRO A 321 15.81 -17.68 6.94
N ALA A 322 16.41 -18.83 6.63
CA ALA A 322 17.82 -18.83 6.24
C ALA A 322 18.03 -17.97 5.00
N GLY A 323 19.10 -17.16 5.04
CA GLY A 323 19.50 -16.35 3.91
C GLY A 323 18.92 -14.96 3.89
N LEU A 324 17.97 -14.62 4.76
CA LEU A 324 17.33 -13.32 4.73
C LEU A 324 18.10 -12.36 5.61
N ASN A 325 18.59 -11.28 5.02
CA ASN A 325 19.30 -10.25 5.77
C ASN A 325 18.29 -9.27 6.34
N GLY A 326 18.35 -9.05 7.64
CA GLY A 326 17.40 -8.20 8.32
C GLY A 326 17.64 -6.73 8.07
N PRO A 327 16.56 -5.95 7.99
CA PRO A 327 16.67 -4.54 7.59
C PRO A 327 16.76 -3.58 8.77
N ASP A 328 17.53 -2.51 8.56
CA ASP A 328 17.59 -1.39 9.47
C ASP A 328 16.54 -0.36 9.05
N LEU A 329 16.44 0.69 9.88
CA LEU A 329 15.36 1.68 9.82
C LEU A 329 15.07 2.19 8.41
N TYR A 330 16.10 2.52 7.63
CA TYR A 330 15.92 3.20 6.35
C TYR A 330 15.93 2.27 5.15
N ASP A 331 16.05 0.96 5.37
CA ASP A 331 16.05 0.02 4.26
C ASP A 331 14.64 -0.17 3.69
N PRO A 332 14.52 -0.61 2.44
CA PRO A 332 13.20 -0.80 1.82
C PRO A 332 12.27 -1.67 2.66
N ARG A 333 10.97 -1.34 2.58
CA ARG A 333 9.93 -1.94 3.39
C ARG A 333 9.17 -3.00 2.59
N GLY A 334 8.66 -4.01 3.31
CA GLY A 334 7.99 -5.14 2.71
C GLY A 334 6.48 -5.14 2.87
N LYS A 335 5.88 -6.23 2.40
CA LYS A 335 4.44 -6.44 2.42
C LYS A 335 4.13 -7.88 2.81
N LEU A 336 2.88 -8.09 3.22
CA LEU A 336 2.33 -9.41 3.48
C LEU A 336 1.14 -9.64 2.55
N ALA A 337 1.10 -10.79 1.90
CA ALA A 337 0.00 -11.18 1.03
C ALA A 337 -0.60 -12.50 1.50
N GLY A 338 -1.83 -12.74 1.12
CA GLY A 338 -2.51 -13.97 1.51
C GLY A 338 -3.31 -14.57 0.38
N ASP A 339 -3.39 -15.89 0.36
CA ASP A 339 -4.15 -16.60 -0.65
C ASP A 339 -5.64 -16.62 -0.30
N ALA A 340 -6.45 -17.12 -1.24
CA ALA A 340 -7.90 -17.13 -1.03
C ALA A 340 -8.29 -17.99 0.18
N SER A 341 -7.57 -19.09 0.42
CA SER A 341 -7.94 -20.00 1.49
C SER A 341 -7.59 -19.47 2.87
N GLY A 342 -6.65 -18.54 2.97
CA GLY A 342 -6.19 -18.06 4.26
C GLY A 342 -5.14 -18.94 4.91
N GLU A 343 -4.73 -20.02 4.25
CA GLU A 343 -3.72 -20.90 4.83
C GLU A 343 -2.31 -20.38 4.60
N TYR A 344 -2.09 -19.65 3.52
CA TYR A 344 -0.75 -19.27 3.08
C TYR A 344 -0.52 -17.79 3.28
N LEU A 345 0.52 -17.45 4.04
CA LEU A 345 0.95 -16.08 4.28
C LEU A 345 2.27 -15.87 3.56
N PHE A 346 2.30 -14.85 2.69
CA PHE A 346 3.48 -14.56 1.89
C PHE A 346 4.16 -13.31 2.42
N GLY A 347 5.43 -13.43 2.78
CA GLY A 347 6.25 -12.27 3.09
C GLY A 347 6.99 -11.84 1.84
N ILE A 348 6.71 -10.63 1.38
CA ILE A 348 7.35 -10.09 0.18
C ILE A 348 8.37 -9.09 0.71
N LEU A 349 9.61 -9.54 0.85
CA LEU A 349 10.56 -8.88 1.74
C LEU A 349 11.80 -8.46 0.98
N PRO A 350 12.02 -7.15 0.80
CA PRO A 350 13.26 -6.73 0.14
C PRO A 350 14.45 -6.97 1.04
N ASP A 351 15.53 -7.48 0.45
CA ASP A 351 16.75 -7.81 1.16
C ASP A 351 17.77 -6.71 0.89
N PRO A 352 18.25 -5.99 1.90
CA PRO A 352 19.14 -4.85 1.63
C PRO A 352 20.56 -5.25 1.28
N VAL A 353 20.96 -6.47 1.55
CA VAL A 353 22.28 -6.93 1.14
C VAL A 353 22.26 -7.44 -0.29
N LYS A 354 21.29 -8.31 -0.60
CA LYS A 354 21.23 -8.91 -1.92
C LYS A 354 20.70 -7.97 -2.99
N GLN A 355 20.04 -6.88 -2.61
CA GLN A 355 19.36 -6.01 -3.59
C GLN A 355 18.41 -6.83 -4.46
N SER A 356 17.55 -7.58 -3.78
CA SER A 356 16.54 -8.42 -4.42
C SER A 356 15.36 -8.45 -3.48
N THR A 357 14.25 -9.01 -3.95
CA THR A 357 13.05 -9.16 -3.15
C THR A 357 12.79 -10.66 -2.95
N GLY A 358 12.77 -11.10 -1.70
CA GLY A 358 12.47 -12.49 -1.40
C GLY A 358 10.99 -12.71 -1.20
N ILE A 359 10.50 -13.82 -1.75
CA ILE A 359 9.13 -14.29 -1.51
C ILE A 359 9.23 -15.46 -0.56
N TYR A 360 8.77 -15.27 0.67
CA TYR A 360 8.78 -16.30 1.69
C TYR A 360 7.34 -16.68 2.03
N VAL A 361 7.14 -17.93 2.41
CA VAL A 361 5.79 -18.42 2.70
C VAL A 361 5.77 -19.10 4.07
N ALA A 362 4.71 -18.84 4.83
CA ALA A 362 4.41 -19.53 6.08
C ALA A 362 2.96 -19.98 6.04
N THR A 363 2.62 -20.98 6.86
CA THR A 363 1.30 -21.58 6.82
C THR A 363 0.59 -21.46 8.17
N ALA A 364 -0.73 -21.29 8.11
CA ALA A 364 -1.52 -21.16 9.33
C ALA A 364 -1.47 -22.42 10.16
N SER A 365 -1.36 -23.60 9.53
CA SER A 365 -1.31 -24.86 10.26
C SER A 365 -0.09 -24.97 11.15
N LYS A 366 0.98 -24.24 10.84
CA LYS A 366 2.18 -24.22 11.65
C LYS A 366 2.32 -22.92 12.44
N ASP A 367 1.21 -22.23 12.68
CA ASP A 367 1.19 -20.95 13.40
C ASP A 367 2.08 -19.90 12.75
N PHE A 368 2.25 -20.00 11.43
CA PHE A 368 3.03 -19.05 10.65
C PHE A 368 4.50 -18.99 11.06
N LYS A 369 5.01 -20.03 11.72
CA LYS A 369 6.40 -20.06 12.14
C LYS A 369 7.32 -20.72 11.13
N ASP A 370 6.78 -21.36 10.10
CA ASP A 370 7.53 -22.17 9.16
C ASP A 370 7.96 -21.38 7.93
N TRP A 371 8.54 -20.20 8.12
CA TRP A 371 8.93 -19.36 6.98
C TRP A 371 9.90 -20.11 6.08
N LYS A 372 9.54 -20.21 4.80
CA LYS A 372 10.34 -20.92 3.81
C LYS A 372 10.53 -20.02 2.59
N SER A 373 11.74 -20.02 2.05
CA SER A 373 11.99 -19.35 0.79
C SER A 373 11.17 -20.02 -0.31
N LEU A 374 10.41 -19.23 -1.04
CA LEU A 374 9.57 -19.73 -2.13
C LEU A 374 10.04 -19.26 -3.50
N ALA A 375 10.46 -18.00 -3.60
CA ALA A 375 10.88 -17.44 -4.87
C ALA A 375 11.67 -16.17 -4.57
N GLU A 376 12.23 -15.57 -5.63
CA GLU A 376 12.98 -14.34 -5.49
C GLU A 376 12.77 -13.52 -6.75
N ILE A 377 12.70 -12.21 -6.60
CA ILE A 377 12.79 -11.27 -7.71
C ILE A 377 14.20 -10.68 -7.67
N PRO A 378 15.06 -11.00 -8.63
CA PRO A 378 16.42 -10.45 -8.60
C PRO A 378 16.42 -8.98 -8.96
N ASN A 379 17.48 -8.29 -8.54
CA ASN A 379 17.81 -6.96 -9.03
C ASN A 379 16.67 -5.96 -8.76
N THR A 380 16.38 -5.76 -7.48
CA THR A 380 15.39 -4.77 -7.06
C THR A 380 15.98 -3.75 -6.11
N SER A 381 15.54 -2.49 -6.27
CA SER A 381 15.73 -1.43 -5.28
C SER A 381 14.36 -0.80 -5.10
N THR A 382 13.54 -1.47 -4.30
CA THR A 382 12.10 -1.24 -4.37
C THR A 382 11.47 -1.62 -3.05
N GLU A 383 10.31 -1.03 -2.79
CA GLU A 383 9.45 -1.45 -1.70
C GLU A 383 8.31 -2.22 -2.39
N PRO A 384 8.37 -3.56 -2.39
CA PRO A 384 7.54 -4.31 -3.32
C PRO A 384 6.06 -4.17 -3.02
N LEU A 385 5.26 -4.25 -4.08
CA LEU A 385 3.82 -4.02 -4.01
C LEU A 385 3.16 -5.11 -4.84
N PHE A 386 2.03 -5.65 -4.36
CA PHE A 386 1.42 -6.79 -5.03
C PHE A 386 -0.05 -6.51 -5.35
N ASP A 387 -0.66 -7.45 -6.07
CA ASP A 387 -2.04 -7.36 -6.56
C ASP A 387 -2.90 -8.35 -5.76
N LYS A 388 -3.62 -7.83 -4.77
N LYS A 388 -3.65 -7.83 -4.79
CA LYS A 388 -4.40 -8.69 -3.89
CA LYS A 388 -4.39 -8.72 -3.88
C LYS A 388 -5.41 -9.52 -4.67
C LYS A 388 -5.49 -9.50 -4.59
N THR A 389 -6.16 -8.87 -5.56
CA THR A 389 -7.25 -9.54 -6.27
C THR A 389 -6.72 -10.64 -7.18
N ARG A 390 -5.63 -10.40 -7.90
CA ARG A 390 -5.10 -11.43 -8.78
C ARG A 390 -4.69 -12.67 -8.01
N LEU A 391 -4.15 -12.48 -6.81
CA LEU A 391 -3.77 -13.65 -6.01
C LEU A 391 -5.01 -14.42 -5.54
N HIS A 392 -6.03 -13.71 -5.06
CA HIS A 392 -7.23 -14.38 -4.60
C HIS A 392 -7.96 -15.09 -5.74
N GLU A 393 -8.05 -14.44 -6.89
CA GLU A 393 -8.90 -14.97 -7.96
C GLU A 393 -8.21 -16.02 -8.79
N SER A 394 -6.90 -15.91 -9.00
CA SER A 394 -6.21 -16.78 -9.93
C SER A 394 -5.03 -17.54 -9.33
N GLY A 395 -4.73 -17.34 -8.05
CA GLY A 395 -3.57 -18.00 -7.46
C GLY A 395 -2.25 -17.56 -8.05
N ILE A 396 -2.19 -16.34 -8.59
CA ILE A 396 -0.98 -15.79 -9.17
C ILE A 396 -0.56 -14.62 -8.29
N LEU A 397 0.65 -14.69 -7.74
CA LEU A 397 1.22 -13.57 -6.98
C LEU A 397 1.95 -12.66 -7.96
N SER A 398 1.44 -11.45 -8.13
CA SER A 398 1.90 -10.51 -9.14
C SER A 398 2.46 -9.30 -8.40
N VAL A 399 3.72 -8.97 -8.67
CA VAL A 399 4.48 -8.01 -7.88
C VAL A 399 5.07 -6.94 -8.79
N PHE A 400 4.85 -5.67 -8.44
CA PHE A 400 5.42 -4.53 -9.15
C PHE A 400 6.70 -4.09 -8.46
N VAL A 401 7.78 -3.93 -9.24
CA VAL A 401 9.11 -3.64 -8.70
C VAL A 401 9.85 -2.62 -9.55
N ARG A 402 10.69 -1.85 -8.86
CA ARG A 402 11.73 -1.03 -9.43
C ARG A 402 13.07 -1.77 -9.31
N GLN A 403 13.80 -1.86 -10.40
CA GLN A 403 15.07 -2.58 -10.37
C GLN A 403 16.09 -1.82 -9.56
N ALA A 404 17.21 -2.49 -9.32
CA ALA A 404 18.40 -1.80 -8.87
C ALA A 404 19.14 -1.36 -10.14
N GLY A 405 20.33 -0.83 -9.97
CA GLY A 405 21.06 -0.38 -11.14
C GLY A 405 20.83 1.09 -11.42
N GLY A 406 21.57 1.58 -12.40
CA GLY A 406 21.62 2.99 -12.70
C GLY A 406 20.71 3.39 -13.84
N PHE A 407 20.24 4.63 -13.77
CA PHE A 407 19.51 5.20 -14.90
C PHE A 407 20.42 5.25 -16.12
N PRO A 408 19.91 4.92 -17.31
CA PRO A 408 18.54 4.50 -17.65
C PRO A 408 18.39 3.00 -17.82
N ASP A 409 19.31 2.21 -17.27
CA ASP A 409 19.20 0.75 -17.30
C ASP A 409 18.11 0.25 -16.37
N ARG A 410 17.81 1.00 -15.31
CA ARG A 410 16.93 0.55 -14.24
C ARG A 410 15.49 0.58 -14.73
N LYS A 411 14.86 -0.58 -14.77
CA LYS A 411 13.52 -0.72 -15.31
C LYS A 411 12.48 -0.93 -14.21
N LEU A 412 11.22 -0.72 -14.58
CA LEU A 412 10.07 -1.11 -13.79
C LEU A 412 9.51 -2.40 -14.37
N GLN A 413 9.13 -3.33 -13.49
CA GLN A 413 8.70 -4.64 -13.92
C GLN A 413 7.52 -5.14 -13.12
N VAL A 414 6.77 -6.06 -13.72
CA VAL A 414 5.77 -6.88 -13.03
C VAL A 414 6.20 -8.33 -13.14
N TRP A 415 6.25 -9.01 -11.99
CA TRP A 415 6.63 -10.42 -11.91
C TRP A 415 5.43 -11.23 -11.46
N ASP A 416 5.13 -12.31 -12.19
CA ASP A 416 4.00 -13.19 -11.88
C ASP A 416 4.54 -14.56 -11.45
N PHE A 417 4.19 -14.95 -10.22
CA PHE A 417 4.49 -16.28 -9.70
C PHE A 417 3.18 -17.05 -9.62
N GLU A 418 2.98 -17.98 -10.55
CA GLU A 418 1.79 -18.83 -10.56
C GLU A 418 1.95 -19.93 -9.52
N LEU A 419 1.02 -20.02 -8.57
CA LEU A 419 1.14 -20.98 -7.48
C LEU A 419 0.24 -22.19 -7.72
N ASP A 420 0.65 -23.35 -7.17
CA ASP A 420 -0.14 -24.57 -7.24
C ASP A 420 -1.22 -24.67 -6.16
N LEU A 421 -1.91 -23.58 -5.89
CA LEU A 421 -2.95 -23.58 -4.88
C LEU A 421 -4.10 -24.48 -5.32
C1 NAG B . -6.91 -4.95 25.67
C2 NAG B . -6.81 -5.91 26.86
C3 NAG B . -5.37 -5.95 27.38
C4 NAG B . -4.37 -6.20 26.27
C5 NAG B . -4.63 -5.20 25.13
C6 NAG B . -3.72 -5.40 23.94
C7 NAG B . -8.92 -6.09 28.10
C8 NAG B . -9.73 -5.55 29.23
N2 NAG B . -7.72 -5.52 27.91
O3 NAG B . -5.26 -6.97 28.37
O4 NAG B . -3.06 -5.96 26.77
O5 NAG B . -5.97 -5.34 24.67
O6 NAG B . -3.76 -6.73 23.43
O7 NAG B . -9.33 -6.99 27.38
C1 NAG B . -2.22 -7.13 26.67
C2 NAG B . -0.78 -6.67 26.92
C3 NAG B . 0.18 -7.87 26.93
C4 NAG B . -0.34 -9.00 27.83
C5 NAG B . -1.81 -9.28 27.55
C6 NAG B . -2.42 -10.27 28.52
C7 NAG B . -0.32 -4.40 26.07
C8 NAG B . 0.15 -3.59 24.90
N2 NAG B . -0.36 -5.72 25.88
O3 NAG B . 1.44 -7.42 27.40
O4 NAG B . 0.37 -10.19 27.52
O5 NAG B . -2.57 -8.07 27.66
O6 NAG B . -2.47 -9.73 29.84
O7 NAG B . -0.67 -3.88 27.13
C1 BMA B . 1.36 -10.50 28.51
C2 BMA B . 1.62 -12.03 28.39
C3 BMA B . 2.82 -12.45 29.23
C4 BMA B . 4.02 -11.49 29.05
C5 BMA B . 3.57 -10.04 29.24
C6 BMA B . 4.70 -9.06 29.01
O2 BMA B . 1.92 -12.36 27.04
O3 BMA B . 3.23 -13.77 28.89
O4 BMA B . 5.03 -11.81 29.99
O5 BMA B . 2.54 -9.77 28.30
O6 BMA B . 4.14 -7.77 28.78
C1 MAN B . 5.25 -6.87 28.59
C2 MAN B . 4.73 -5.39 28.75
C3 MAN B . 3.93 -4.92 27.53
C4 MAN B . 4.70 -5.23 26.22
C5 MAN B . 5.02 -6.72 26.17
C6 MAN B . 5.82 -7.11 24.94
O2 MAN B . 5.83 -4.49 28.86
O3 MAN B . 3.67 -3.53 27.61
O4 MAN B . 3.92 -4.82 25.08
O5 MAN B . 5.83 -7.08 27.31
O6 MAN B . 6.91 -6.18 24.83
C1 MAN B . 2.36 -3.28 28.16
C2 MAN B . 1.96 -1.85 27.72
C3 MAN B . 2.82 -0.83 28.46
C4 MAN B . 2.76 -1.05 29.98
C5 MAN B . 3.17 -2.49 30.32
C6 MAN B . 3.01 -2.81 31.80
O2 MAN B . 0.61 -1.54 28.10
O3 MAN B . 2.45 0.51 28.14
O4 MAN B . 3.63 -0.14 30.64
O5 MAN B . 2.35 -3.43 29.58
O6 MAN B . 3.35 -4.19 32.00
C1 MAN B . 8.12 -6.79 25.30
C2 MAN B . 8.71 -5.84 26.35
C3 MAN B . 9.04 -4.52 25.66
C4 MAN B . 9.93 -4.73 24.42
C5 MAN B . 9.32 -5.80 23.49
C6 MAN B . 10.24 -6.23 22.37
O2 MAN B . 9.95 -6.33 26.87
O3 MAN B . 9.64 -3.58 26.56
O4 MAN B . 10.06 -3.50 23.71
O5 MAN B . 9.01 -6.99 24.24
O6 MAN B . 9.43 -6.76 21.33
C1 MAN B . 2.63 -14.71 29.79
C2 MAN B . 3.65 -15.85 29.94
C3 MAN B . 3.86 -16.49 28.58
C4 MAN B . 2.52 -17.00 28.02
C5 MAN B . 1.49 -15.84 27.97
C6 MAN B . 0.09 -16.31 27.61
O2 MAN B . 3.13 -16.89 30.78
O3 MAN B . 4.82 -17.54 28.62
O4 MAN B . 2.71 -17.51 26.71
O5 MAN B . 1.41 -15.20 29.27
O6 MAN B . -0.02 -16.37 26.19
C1 RAM C . 8.46 8.93 6.07
C2 RAM C . 8.21 8.21 4.75
C3 RAM C . 9.52 7.98 4.01
C4 RAM C . 10.47 7.20 4.91
C5 RAM C . 10.61 7.90 6.26
C6 RAM C . 11.39 7.05 7.24
O1 RAM C . 9.02 10.20 5.83
O2 RAM C . 7.61 6.98 5.01
O3 RAM C . 9.25 7.26 2.81
O4 RAM C . 11.73 7.14 4.26
O5 RAM C . 9.35 8.15 6.86
C ACT D . 6.76 13.05 6.63
O ACT D . 6.04 12.09 7.06
OXT ACT D . 6.36 14.14 6.12
CH3 ACT D . 8.27 12.87 6.71
C TRS E . -21.06 -1.68 4.14
C1 TRS E . -19.71 -1.67 3.43
C2 TRS E . -22.14 -1.14 3.22
C3 TRS E . -21.39 -3.10 4.58
N TRS E . -20.97 -0.85 5.35
O1 TRS E . -18.74 -2.21 4.30
O1 TRS E . -19.88 -1.81 2.03
O2 TRS E . -21.86 0.21 2.89
O3 TRS E . -22.61 -3.14 5.30
CA CA F . -5.45 -1.98 1.24
NA NA G . 6.08 16.62 17.66
#